data_4QND
#
_entry.id   4QND
#
_cell.length_a   58.236
_cell.length_b   58.236
_cell.length_c   172.923
_cell.angle_alpha   90.00
_cell.angle_beta   90.00
_cell.angle_gamma   90.00
#
_symmetry.space_group_name_H-M   'I 41 2 2'
#
loop_
_entity.id
_entity.type
_entity.pdbx_description
1 polymer 'Chemical transport protein'
2 non-polymer PENTADECANE
3 non-polymer '(2R)-2,3-dihydroxypropyl (9Z)-octadec-9-enoate'
4 non-polymer 3,6,9,12,15,18,21,24-OCTAOXAHEXACOSAN-1-OL
5 water water
#
_entity_poly.entity_id   1
_entity_poly.type   'polypeptide(L)'
_entity_poly.pdbx_seq_one_letter_code
;GPGSMALIERIGKALEPLMLVMGLISPLATMPQLYKLYVSHSEHALGLSLTTWLLYSFIALLWTIYGIYHKNPTIWVGNC
LGFLMYVAMVVGIIAHTGGTY
;
_entity_poly.pdbx_strand_id   A
#
# COMPACT_ATOMS: atom_id res chain seq x y z
N MET A 5 -5.50 -9.40 30.11
CA MET A 5 -6.08 -9.04 28.82
C MET A 5 -6.02 -10.21 27.86
N ALA A 6 -6.94 -11.17 28.05
CA ALA A 6 -6.94 -12.41 27.29
C ALA A 6 -7.16 -12.19 25.79
N LEU A 7 -8.05 -11.26 25.45
CA LEU A 7 -8.40 -11.02 24.05
C LEU A 7 -7.22 -10.48 23.25
N ILE A 8 -6.56 -9.46 23.80
CA ILE A 8 -5.39 -8.88 23.18
C ILE A 8 -4.29 -9.92 22.99
N GLU A 9 -4.07 -10.73 24.02
CA GLU A 9 -3.07 -11.80 23.92
C GLU A 9 -3.44 -12.82 22.86
N ARG A 10 -4.71 -13.24 22.87
CA ARG A 10 -5.20 -14.25 21.91
C ARG A 10 -4.96 -13.81 20.48
N ILE A 11 -5.33 -12.57 20.18
CA ILE A 11 -5.15 -12.02 18.84
C ILE A 11 -3.66 -11.84 18.53
N GLY A 12 -2.92 -11.27 19.47
CA GLY A 12 -1.49 -11.05 19.30
C GLY A 12 -0.73 -12.30 18.96
N LYS A 13 -1.03 -13.38 19.68
CA LYS A 13 -0.37 -14.66 19.42
C LYS A 13 -0.80 -15.28 18.09
N ALA A 14 -2.08 -15.13 17.75
CA ALA A 14 -2.62 -15.72 16.53
C ALA A 14 -2.02 -15.09 15.28
N LEU A 15 -1.65 -13.82 15.38
CA LEU A 15 -1.11 -13.08 14.25
C LEU A 15 0.34 -13.46 13.92
N GLU A 16 1.03 -14.05 14.90
CA GLU A 16 2.47 -14.32 14.77
C GLU A 16 2.85 -15.06 13.48
N PRO A 17 2.19 -16.19 13.17
CA PRO A 17 2.60 -16.86 11.93
C PRO A 17 2.00 -16.22 10.67
N LEU A 18 1.20 -15.18 10.83
CA LEU A 18 0.49 -14.59 9.70
C LEU A 18 1.08 -13.24 9.26
N MET A 19 2.18 -12.83 9.89
CA MET A 19 2.69 -11.48 9.70
C MET A 19 3.10 -11.15 8.27
N LEU A 20 3.61 -12.14 7.54
CA LEU A 20 3.98 -11.91 6.13
C LEU A 20 2.72 -11.69 5.30
N VAL A 21 1.71 -12.54 5.52
CA VAL A 21 0.43 -12.41 4.83
C VAL A 21 -0.24 -11.07 5.16
N MET A 22 -0.12 -10.65 6.42
CA MET A 22 -0.68 -9.36 6.85
C MET A 22 -0.14 -8.21 6.01
N GLY A 23 1.15 -8.30 5.67
CA GLY A 23 1.79 -7.28 4.87
C GLY A 23 1.27 -7.20 3.45
N LEU A 24 0.61 -8.27 3.01
CA LEU A 24 0.07 -8.32 1.65
C LEU A 24 -1.34 -7.75 1.55
N ILE A 25 -2.04 -7.70 2.68
CA ILE A 25 -3.46 -7.36 2.66
C ILE A 25 -3.74 -5.92 2.19
N SER A 26 -3.07 -4.94 2.77
CA SER A 26 -3.31 -3.56 2.36
C SER A 26 -2.91 -3.27 0.91
N PRO A 27 -1.75 -3.79 0.44
CA PRO A 27 -1.47 -3.64 -1.00
C PRO A 27 -2.54 -4.27 -1.89
N LEU A 28 -2.95 -5.49 -1.57
CA LEU A 28 -4.01 -6.16 -2.33
C LEU A 28 -5.33 -5.41 -2.19
N ALA A 29 -5.57 -4.87 -1.00
CA ALA A 29 -6.79 -4.09 -0.73
C ALA A 29 -6.84 -2.81 -1.55
N THR A 30 -5.70 -2.38 -2.09
CA THR A 30 -5.63 -1.14 -2.86
C THR A 30 -6.16 -1.36 -4.28
N MET A 31 -6.30 -2.62 -4.68
CA MET A 31 -6.76 -2.92 -6.04
C MET A 31 -8.15 -2.34 -6.39
N PRO A 32 -9.14 -2.44 -5.46
CA PRO A 32 -10.40 -1.76 -5.78
C PRO A 32 -10.27 -0.24 -5.89
N GLN A 33 -9.32 0.34 -5.15
CA GLN A 33 -9.07 1.76 -5.24
C GLN A 33 -8.45 2.11 -6.59
N LEU A 34 -7.55 1.24 -7.07
CA LEU A 34 -6.94 1.42 -8.37
C LEU A 34 -7.98 1.24 -9.47
N TYR A 35 -8.92 0.32 -9.26
CA TYR A 35 -9.98 0.08 -10.21
C TYR A 35 -10.86 1.32 -10.36
N LYS A 36 -11.19 1.97 -9.25
CA LYS A 36 -11.99 3.18 -9.30
C LYS A 36 -11.23 4.32 -9.99
N LEU A 37 -9.94 4.44 -9.70
CA LEU A 37 -9.12 5.51 -10.27
C LEU A 37 -8.96 5.37 -11.79
N TYR A 38 -8.73 4.16 -12.25
CA TYR A 38 -8.39 3.93 -13.66
C TYR A 38 -9.58 3.52 -14.52
N VAL A 39 -10.53 2.81 -13.94
CA VAL A 39 -11.56 2.16 -14.74
C VAL A 39 -12.96 2.74 -14.53
N SER A 40 -13.48 2.65 -13.31
CA SER A 40 -14.90 2.93 -13.08
C SER A 40 -15.22 4.39 -12.74
N HIS A 41 -14.32 5.08 -12.04
CA HIS A 41 -14.61 6.43 -11.57
C HIS A 41 -13.45 7.41 -11.73
N SER A 42 -12.81 7.40 -12.89
CA SER A 42 -11.71 8.32 -13.16
C SER A 42 -12.13 9.78 -13.06
N GLU A 43 -13.42 10.05 -13.30
CA GLU A 43 -13.93 11.41 -13.26
C GLU A 43 -13.90 11.97 -11.84
N HIS A 44 -13.64 11.12 -10.86
CA HIS A 44 -13.57 11.55 -9.47
C HIS A 44 -12.15 11.48 -8.92
N ALA A 45 -11.16 11.42 -9.81
CA ALA A 45 -9.75 11.32 -9.40
C ALA A 45 -9.28 12.53 -8.60
N LEU A 46 -9.92 13.68 -8.81
CA LEU A 46 -9.54 14.89 -8.09
C LEU A 46 -9.82 14.78 -6.60
N GLY A 47 -10.65 13.80 -6.23
CA GLY A 47 -10.96 13.55 -4.83
C GLY A 47 -9.86 12.78 -4.13
N LEU A 48 -8.86 12.34 -4.89
CA LEU A 48 -7.71 11.62 -4.34
C LEU A 48 -6.54 12.56 -4.11
N SER A 49 -5.84 12.39 -2.98
CA SER A 49 -4.71 13.24 -2.66
C SER A 49 -3.41 12.66 -3.19
N LEU A 50 -2.80 13.36 -4.14
CA LEU A 50 -1.51 12.96 -4.69
C LEU A 50 -0.46 12.92 -3.60
N THR A 51 -0.51 13.89 -2.68
CA THR A 51 0.42 13.95 -1.55
C THR A 51 0.39 12.67 -0.74
N THR A 52 -0.83 12.21 -0.41
CA THR A 52 -1.01 10.99 0.36
C THR A 52 -0.36 9.78 -0.29
N TRP A 53 -0.64 9.57 -1.58
CA TRP A 53 -0.16 8.36 -2.23
C TRP A 53 1.34 8.44 -2.56
N LEU A 54 1.84 9.65 -2.76
CA LEU A 54 3.28 9.85 -2.91
C LEU A 54 4.02 9.42 -1.64
N LEU A 55 3.49 9.84 -0.50
CA LEU A 55 4.13 9.53 0.78
C LEU A 55 3.97 8.05 1.15
N TYR A 56 2.84 7.46 0.77
CA TYR A 56 2.67 6.01 0.92
C TYR A 56 3.75 5.28 0.16
N SER A 57 3.95 5.68 -1.11
CA SER A 57 4.96 5.08 -1.97
C SER A 57 6.34 5.20 -1.34
N PHE A 58 6.64 6.39 -0.85
CA PHE A 58 7.94 6.67 -0.23
C PHE A 58 8.22 5.77 0.96
N ILE A 59 7.25 5.66 1.86
CA ILE A 59 7.43 4.84 3.06
C ILE A 59 7.50 3.35 2.71
N ALA A 60 6.68 2.93 1.76
CA ALA A 60 6.71 1.53 1.32
C ALA A 60 8.09 1.19 0.75
N LEU A 61 8.64 2.10 -0.04
CA LEU A 61 9.97 1.92 -0.62
C LEU A 61 11.03 1.77 0.48
N LEU A 62 10.95 2.62 1.49
CA LEU A 62 11.91 2.59 2.59
C LEU A 62 11.86 1.27 3.34
N TRP A 63 10.65 0.79 3.65
CA TRP A 63 10.49 -0.49 4.32
C TRP A 63 10.97 -1.64 3.45
N THR A 64 10.76 -1.52 2.13
CA THR A 64 11.21 -2.55 1.20
C THR A 64 12.74 -2.65 1.26
N ILE A 65 13.40 -1.50 1.20
CA ILE A 65 14.86 -1.47 1.28
C ILE A 65 15.34 -2.02 2.62
N TYR A 66 14.67 -1.63 3.69
CA TYR A 66 15.01 -2.11 5.03
C TYR A 66 14.89 -3.63 5.10
N GLY A 67 13.77 -4.17 4.60
CA GLY A 67 13.52 -5.60 4.65
C GLY A 67 14.46 -6.41 3.79
N ILE A 68 14.79 -5.87 2.61
CA ILE A 68 15.74 -6.52 1.71
C ILE A 68 17.12 -6.57 2.38
N TYR A 69 17.53 -5.46 2.97
CA TYR A 69 18.82 -5.38 3.64
C TYR A 69 18.95 -6.42 4.75
N HIS A 70 17.89 -6.59 5.54
CA HIS A 70 17.94 -7.53 6.66
C HIS A 70 17.43 -8.92 6.32
N LYS A 71 17.25 -9.20 5.03
CA LYS A 71 16.74 -10.49 4.56
C LYS A 71 15.48 -10.90 5.32
N ASN A 72 14.53 -9.98 5.39
CA ASN A 72 13.30 -10.20 6.14
C ASN A 72 12.09 -10.05 5.21
N PRO A 73 11.67 -11.15 4.57
CA PRO A 73 10.54 -11.12 3.63
C PRO A 73 9.23 -10.73 4.27
N THR A 74 9.08 -10.95 5.58
CA THR A 74 7.87 -10.53 6.27
C THR A 74 7.70 -9.02 6.10
N ILE A 75 8.82 -8.31 6.05
CA ILE A 75 8.80 -6.86 5.83
C ILE A 75 8.77 -6.48 4.36
N TRP A 76 9.74 -6.95 3.55
CA TRP A 76 9.89 -6.38 2.22
C TRP A 76 8.91 -6.91 1.18
N VAL A 77 8.41 -8.13 1.35
CA VAL A 77 7.49 -8.70 0.37
C VAL A 77 6.21 -7.85 0.26
N GLY A 78 5.54 -7.63 1.38
CA GLY A 78 4.32 -6.85 1.39
C GLY A 78 4.55 -5.40 1.01
N ASN A 79 5.66 -4.83 1.48
CA ASN A 79 5.97 -3.44 1.19
C ASN A 79 6.43 -3.22 -0.25
N CYS A 80 6.99 -4.25 -0.88
CA CYS A 80 7.37 -4.13 -2.28
C CYS A 80 6.13 -4.09 -3.15
N LEU A 81 5.18 -4.97 -2.86
CA LEU A 81 3.90 -4.98 -3.57
C LEU A 81 3.17 -3.67 -3.32
N GLY A 82 3.20 -3.23 -2.06
CA GLY A 82 2.60 -1.96 -1.67
C GLY A 82 3.17 -0.81 -2.48
N PHE A 83 4.50 -0.72 -2.50
CA PHE A 83 5.20 0.31 -3.27
C PHE A 83 4.66 0.43 -4.69
N LEU A 84 4.54 -0.71 -5.38
CA LEU A 84 4.06 -0.72 -6.75
C LEU A 84 2.61 -0.24 -6.84
N MET A 85 1.78 -0.70 -5.92
CA MET A 85 0.37 -0.29 -5.88
C MET A 85 0.23 1.21 -5.68
N TYR A 86 1.06 1.77 -4.80
CA TYR A 86 0.92 3.18 -4.44
C TYR A 86 1.53 4.08 -5.52
N VAL A 87 2.57 3.59 -6.19
CA VAL A 87 3.10 4.29 -7.36
C VAL A 87 2.06 4.31 -8.47
N ALA A 88 1.36 3.19 -8.64
CA ALA A 88 0.28 3.14 -9.64
C ALA A 88 -0.81 4.16 -9.32
N MET A 89 -1.07 4.36 -8.03
CA MET A 89 -2.03 5.39 -7.61
C MET A 89 -1.52 6.78 -7.98
N VAL A 90 -0.24 7.03 -7.71
CA VAL A 90 0.39 8.31 -8.03
C VAL A 90 0.29 8.61 -9.53
N VAL A 91 0.69 7.65 -10.35
CA VAL A 91 0.65 7.80 -11.80
C VAL A 91 -0.77 8.10 -12.29
N GLY A 92 -1.74 7.36 -11.77
CA GLY A 92 -3.12 7.49 -12.19
C GLY A 92 -3.74 8.82 -11.80
N ILE A 93 -3.41 9.31 -10.61
CA ILE A 93 -3.91 10.60 -10.15
C ILE A 93 -3.39 11.72 -11.04
N ILE A 94 -2.10 11.65 -11.37
CA ILE A 94 -1.51 12.63 -12.28
C ILE A 94 -2.13 12.54 -13.66
N ALA A 95 -2.34 11.31 -14.15
CA ALA A 95 -2.88 11.09 -15.48
C ALA A 95 -4.29 11.66 -15.65
N HIS A 96 -5.10 11.58 -14.60
CA HIS A 96 -6.51 11.98 -14.71
C HIS A 96 -6.81 13.34 -14.08
N THR A 97 -5.81 14.01 -13.51
CA THR A 97 -6.02 15.35 -12.97
C THR A 97 -5.08 16.39 -13.58
N GLY A 98 -3.94 15.93 -14.08
CA GLY A 98 -2.93 16.82 -14.61
C GLY A 98 -2.07 17.39 -13.50
N GLY A 99 -2.31 16.92 -12.28
CA GLY A 99 -1.59 17.39 -11.12
C GLY A 99 -2.53 17.96 -10.08
N THR A 100 -2.28 17.61 -8.82
CA THR A 100 -3.08 18.10 -7.70
C THR A 100 -2.31 17.82 -6.41
N TYR A 101 -2.89 18.20 -5.27
CA TYR A 101 -2.27 17.89 -3.98
C TYR A 101 -2.87 16.62 -3.38
#